data_8UM6
#
_entry.id   8UM6
#
_cell.length_a   90.263
_cell.length_b   90.263
_cell.length_c   207.508
_cell.angle_alpha   90.00
_cell.angle_beta   90.00
_cell.angle_gamma   120.00
#
_symmetry.space_group_name_H-M   'P 63 2 2'
#
loop_
_entity.id
_entity.type
_entity.pdbx_description
1 polymer 'Uncharacterized protein YcnI'
2 non-polymer 'COPPER (II) ION'
3 water water
#
_entity_poly.entity_id   1
_entity_poly.type   'polypeptide(L)'
_entity_poly.pdbx_seq_one_letter_code
;HVSVKPAESAAGSWETYTMKVPSEKNLPTTKVVLKMPKDVEFQQYEPIPGWKVSTQKHDDKSVSVTWEATDGGIQEGQFQ
QFTFVAKNPDKAEEAAWDAYQYYKDGSIVEFTGDEDADTPHSITNITSA
;
_entity_poly.pdbx_strand_id   A,B
#
loop_
_chem_comp.id
_chem_comp.type
_chem_comp.name
_chem_comp.formula
CU non-polymer 'COPPER (II) ION' 'Cu 2'
#
# COMPACT_ATOMS: atom_id res chain seq x y z
N HIS A 1 -1.47 11.61 -6.70
N HIS A 1 -1.60 11.59 -6.70
CA HIS A 1 -2.86 11.72 -7.12
CA HIS A 1 -2.85 11.92 -7.38
C HIS A 1 -3.04 10.98 -8.45
C HIS A 1 -3.09 11.01 -8.57
N VAL A 2 -3.96 10.02 -8.43
CA VAL A 2 -4.32 9.21 -9.60
C VAL A 2 -5.39 9.97 -10.36
N SER A 3 -5.13 10.27 -11.63
CA SER A 3 -6.05 11.05 -12.45
C SER A 3 -6.45 10.24 -13.67
N VAL A 4 -7.76 10.16 -13.92
CA VAL A 4 -8.30 9.56 -15.13
C VAL A 4 -8.77 10.69 -16.03
N LYS A 5 -8.16 10.80 -17.22
CA LYS A 5 -8.49 11.83 -18.20
C LYS A 5 -9.14 11.17 -19.42
N PRO A 6 -9.98 11.90 -20.17
CA PRO A 6 -10.34 13.32 -20.05
C PRO A 6 -11.19 13.65 -18.82
N ALA A 7 -10.98 14.82 -18.22
CA ALA A 7 -11.75 15.26 -17.07
C ALA A 7 -13.12 15.80 -17.46
N GLU A 8 -13.47 15.74 -18.75
CA GLU A 8 -14.79 16.07 -19.23
C GLU A 8 -15.09 15.16 -20.41
N SER A 9 -16.31 14.66 -20.48
CA SER A 9 -16.66 13.72 -21.55
C SER A 9 -18.17 13.72 -21.74
N ALA A 10 -18.59 13.33 -22.94
CA ALA A 10 -19.96 13.46 -23.37
C ALA A 10 -20.77 12.24 -22.97
N ALA A 11 -21.97 12.49 -22.43
CA ALA A 11 -22.86 11.39 -22.07
C ALA A 11 -23.20 10.56 -23.29
N GLY A 12 -23.38 9.25 -23.07
CA GLY A 12 -23.83 8.36 -24.11
C GLY A 12 -22.81 7.98 -25.15
N SER A 13 -21.52 8.22 -24.89
CA SER A 13 -20.48 7.91 -25.85
C SER A 13 -19.51 6.88 -25.25
N TRP A 14 -18.75 6.26 -26.14
CA TRP A 14 -17.59 5.48 -25.74
C TRP A 14 -16.41 6.44 -25.66
N GLU A 15 -15.65 6.36 -24.57
CA GLU A 15 -14.52 7.25 -24.35
C GLU A 15 -13.25 6.44 -24.13
N THR A 16 -12.14 6.98 -24.62
CA THR A 16 -10.82 6.41 -24.39
C THR A 16 -10.21 7.14 -23.20
N TYR A 17 -10.19 6.48 -22.04
CA TYR A 17 -9.68 7.06 -20.81
C TYR A 17 -8.24 6.65 -20.58
N THR A 18 -7.48 7.57 -19.98
CA THR A 18 -6.10 7.32 -19.59
C THR A 18 -5.98 7.59 -18.10
N MET A 19 -5.62 6.56 -17.34
CA MET A 19 -5.34 6.69 -15.92
C MET A 19 -3.85 6.91 -15.75
N LYS A 20 -3.47 8.06 -15.17
CA LYS A 20 -2.07 8.34 -14.86
C LYS A 20 -1.80 8.02 -13.40
N VAL A 21 -0.73 7.25 -13.15
CA VAL A 21 -0.40 6.81 -11.80
C VAL A 21 1.01 7.25 -11.46
N PRO A 22 1.19 8.37 -10.77
CA PRO A 22 2.55 8.78 -10.38
C PRO A 22 3.02 8.04 -9.13
N SER A 23 4.32 7.77 -9.10
CA SER A 23 4.94 7.32 -7.86
C SER A 23 4.91 8.46 -6.84
N GLU A 24 4.38 8.18 -5.65
CA GLU A 24 4.37 9.17 -4.57
C GLU A 24 5.15 8.72 -3.36
N LYS A 25 5.74 7.52 -3.40
CA LYS A 25 6.64 7.04 -2.37
C LYS A 25 7.87 6.46 -3.05
N ASN A 26 9.01 6.57 -2.38
CA ASN A 26 10.27 6.04 -2.91
C ASN A 26 10.31 4.51 -2.73
N LEU A 27 9.29 3.88 -3.31
CA LEU A 27 8.98 2.47 -3.18
C LEU A 27 8.20 2.06 -4.42
N PRO A 28 8.41 0.86 -4.96
CA PRO A 28 7.67 0.46 -6.16
C PRO A 28 6.17 0.38 -5.94
N THR A 29 5.42 0.97 -6.88
CA THR A 29 4.00 0.72 -7.00
C THR A 29 3.80 -0.58 -7.77
N THR A 30 3.19 -1.57 -7.13
CA THR A 30 3.13 -2.92 -7.69
C THR A 30 1.76 -3.30 -8.24
N LYS A 31 0.72 -2.53 -7.94
CA LYS A 31 -0.62 -2.86 -8.39
C LYS A 31 -1.49 -1.62 -8.28
N VAL A 32 -2.44 -1.49 -9.19
CA VAL A 32 -3.45 -0.43 -9.15
C VAL A 32 -4.80 -1.05 -9.45
N VAL A 33 -5.79 -0.70 -8.63
CA VAL A 33 -7.17 -1.14 -8.84
C VAL A 33 -8.02 0.11 -9.02
N LEU A 34 -8.83 0.10 -10.08
CA LEU A 34 -9.72 1.21 -10.41
C LEU A 34 -11.15 0.72 -10.38
N LYS A 35 -11.96 1.29 -9.49
CA LYS A 35 -13.40 1.05 -9.50
C LYS A 35 -14.05 1.81 -10.65
N MET A 36 -14.82 1.12 -11.46
CA MET A 36 -15.61 1.80 -12.47
C MET A 36 -16.69 2.64 -11.80
N PRO A 37 -16.84 3.91 -12.16
CA PRO A 37 -17.95 4.69 -11.62
C PRO A 37 -19.27 4.02 -11.95
N LYS A 38 -20.24 4.18 -11.06
CA LYS A 38 -21.59 3.73 -11.36
C LYS A 38 -22.05 4.38 -12.67
N ASP A 39 -22.64 3.57 -13.54
CA ASP A 39 -23.18 3.92 -14.85
C ASP A 39 -22.10 4.04 -15.92
N VAL A 40 -20.82 3.84 -15.59
CA VAL A 40 -19.76 3.73 -16.59
C VAL A 40 -19.47 2.25 -16.82
N GLU A 41 -19.51 1.82 -18.08
CA GLU A 41 -19.37 0.41 -18.43
C GLU A 41 -18.01 0.18 -19.08
N PHE A 42 -17.15 -0.57 -18.38
CA PHE A 42 -15.84 -0.91 -18.92
C PHE A 42 -15.98 -1.82 -20.14
N GLN A 43 -15.23 -1.52 -21.19
CA GLN A 43 -15.25 -2.30 -22.42
C GLN A 43 -13.95 -3.06 -22.62
N GLN A 44 -12.84 -2.36 -22.83
CA GLN A 44 -11.56 -3.00 -23.11
C GLN A 44 -10.45 -2.17 -22.49
N TYR A 45 -9.28 -2.81 -22.35
CA TYR A 45 -8.06 -2.14 -21.94
C TYR A 45 -6.99 -2.31 -23.01
N GLU A 46 -5.97 -1.47 -22.94
CA GLU A 46 -4.82 -1.57 -23.82
C GLU A 46 -3.66 -2.25 -23.09
N PRO A 47 -3.08 -3.32 -23.64
CA PRO A 47 -1.99 -4.01 -22.95
C PRO A 47 -0.78 -3.10 -22.78
N ILE A 48 -0.12 -3.23 -21.64
CA ILE A 48 1.13 -2.52 -21.36
C ILE A 48 2.17 -3.57 -21.00
N PRO A 49 3.36 -3.52 -21.58
CA PRO A 49 4.45 -4.39 -21.13
C PRO A 49 4.71 -4.22 -19.64
N GLY A 50 4.92 -5.34 -18.96
CA GLY A 50 5.18 -5.33 -17.54
C GLY A 50 3.95 -5.30 -16.65
N TRP A 51 2.76 -5.46 -17.21
CA TRP A 51 1.53 -5.42 -16.44
C TRP A 51 0.56 -6.45 -16.98
N LYS A 52 -0.15 -7.11 -16.07
CA LYS A 52 -1.26 -7.97 -16.42
C LYS A 52 -2.55 -7.35 -15.93
N VAL A 53 -3.58 -7.40 -16.75
CA VAL A 53 -4.83 -6.69 -16.50
C VAL A 53 -5.96 -7.70 -16.40
N SER A 54 -6.88 -7.46 -15.46
CA SER A 54 -8.02 -8.33 -15.26
C SER A 54 -9.17 -7.50 -14.72
N THR A 55 -10.39 -7.97 -14.98
CA THR A 55 -11.60 -7.34 -14.50
C THR A 55 -12.28 -8.24 -13.48
N GLN A 56 -13.09 -7.63 -12.62
CA GLN A 56 -13.78 -8.35 -11.56
C GLN A 56 -15.13 -7.70 -11.33
N LYS A 57 -16.20 -8.49 -11.43
CA LYS A 57 -17.54 -8.03 -11.12
C LYS A 57 -17.91 -8.51 -9.72
N HIS A 58 -18.47 -7.61 -8.91
CA HIS A 58 -18.80 -7.90 -7.53
C HIS A 58 -20.31 -8.10 -7.38
N ASP A 59 -20.73 -8.37 -6.15
CA ASP A 59 -22.13 -8.64 -5.86
C ASP A 59 -23.04 -7.50 -6.29
N ASP A 60 -22.69 -6.27 -5.92
CA ASP A 60 -23.51 -5.11 -6.24
C ASP A 60 -23.48 -4.72 -7.72
N LYS A 61 -23.01 -5.61 -8.59
CA LYS A 61 -22.81 -5.41 -10.04
C LYS A 61 -21.81 -4.29 -10.34
N SER A 62 -20.99 -3.87 -9.39
CA SER A 62 -19.92 -2.93 -9.66
C SER A 62 -18.70 -3.65 -10.21
N VAL A 63 -17.92 -2.93 -11.02
CA VAL A 63 -16.79 -3.51 -11.74
C VAL A 63 -15.52 -2.75 -11.39
N SER A 64 -14.45 -3.49 -11.10
CA SER A 64 -13.13 -2.92 -10.88
C SER A 64 -12.14 -3.55 -11.85
N VAL A 65 -11.17 -2.75 -12.28
CA VAL A 65 -10.10 -3.21 -13.16
C VAL A 65 -8.79 -3.17 -12.40
N THR A 66 -7.98 -4.22 -12.57
CA THR A 66 -6.73 -4.37 -11.83
C THR A 66 -5.57 -4.45 -12.80
N TRP A 67 -4.59 -3.56 -12.63
CA TRP A 67 -3.30 -3.63 -13.32
C TRP A 67 -2.27 -4.09 -12.31
N GLU A 68 -1.71 -5.28 -12.50
CA GLU A 68 -0.71 -5.83 -11.59
C GLU A 68 0.64 -5.90 -12.28
N ALA A 69 1.68 -5.42 -11.61
CA ALA A 69 3.01 -5.39 -12.18
C ALA A 69 3.60 -6.79 -12.27
N THR A 70 4.31 -7.06 -13.36
CA THR A 70 5.03 -8.31 -13.54
C THR A 70 6.53 -8.12 -13.74
N ASP A 71 7.03 -6.89 -13.66
CA ASP A 71 8.44 -6.62 -13.96
C ASP A 71 8.89 -5.34 -13.25
N GLY A 72 8.59 -5.23 -11.95
CA GLY A 72 9.14 -4.18 -11.11
C GLY A 72 8.15 -3.10 -10.72
N GLY A 73 7.19 -2.79 -11.60
CA GLY A 73 6.21 -1.77 -11.28
C GLY A 73 6.70 -0.36 -11.50
N ILE A 74 5.97 0.59 -10.90
CA ILE A 74 6.27 2.00 -11.05
C ILE A 74 7.24 2.41 -9.95
N GLN A 75 8.45 2.78 -10.33
CA GLN A 75 9.49 3.09 -9.37
C GLN A 75 9.55 4.59 -9.09
N GLU A 76 10.41 4.95 -8.13
CA GLU A 76 10.58 6.36 -7.77
C GLU A 76 10.96 7.19 -8.99
N GLY A 77 10.43 8.40 -9.06
CA GLY A 77 10.68 9.25 -10.20
C GLY A 77 9.95 8.86 -11.46
N GLN A 78 9.03 7.90 -11.39
CA GLN A 78 8.29 7.43 -12.55
C GLN A 78 6.80 7.63 -12.36
N PHE A 79 6.10 7.74 -13.50
CA PHE A 79 4.66 7.57 -13.57
C PHE A 79 4.36 6.66 -14.75
N GLN A 80 3.20 6.03 -14.72
CA GLN A 80 2.76 5.17 -15.81
C GLN A 80 1.32 5.52 -16.16
N GLN A 81 1.02 5.49 -17.46
CA GLN A 81 -0.32 5.75 -17.96
C GLN A 81 -0.95 4.45 -18.44
N PHE A 82 -2.23 4.26 -18.08
CA PHE A 82 -2.96 3.04 -18.42
C PHE A 82 -4.23 3.44 -19.16
N THR A 83 -4.37 3.00 -20.39
CA THR A 83 -5.45 3.42 -21.28
C THR A 83 -6.52 2.34 -21.38
N PHE A 84 -7.78 2.77 -21.43
CA PHE A 84 -8.89 1.84 -21.60
C PHE A 84 -10.06 2.57 -22.24
N VAL A 85 -11.06 1.79 -22.63
CA VAL A 85 -12.28 2.30 -23.25
C VAL A 85 -13.46 1.95 -22.36
N ALA A 86 -14.35 2.92 -22.15
CA ALA A 86 -15.56 2.71 -21.35
C ALA A 86 -16.71 3.49 -21.96
N LYS A 87 -17.91 2.94 -21.82
CA LYS A 87 -19.12 3.61 -22.26
C LYS A 87 -19.61 4.56 -21.16
N ASN A 88 -19.76 5.83 -21.51
CA ASN A 88 -20.23 6.83 -20.56
C ASN A 88 -21.70 6.60 -20.23
N PRO A 89 -22.15 7.08 -19.07
CA PRO A 89 -23.58 7.05 -18.77
C PRO A 89 -24.37 7.88 -19.79
N ASP A 90 -25.68 7.65 -19.81
CA ASP A 90 -26.55 8.29 -20.77
C ASP A 90 -27.10 9.63 -20.28
N LYS A 91 -26.76 10.03 -19.06
CA LYS A 91 -27.16 11.32 -18.52
C LYS A 91 -25.94 12.04 -17.97
N ALA A 92 -26.02 13.37 -17.90
CA ALA A 92 -24.95 14.14 -17.29
C ALA A 92 -24.82 13.77 -15.82
N GLU A 93 -23.57 13.66 -15.36
CA GLU A 93 -23.29 13.29 -13.97
C GLU A 93 -21.81 13.52 -13.70
N GLU A 94 -21.45 13.40 -12.42
CA GLU A 94 -20.05 13.44 -11.98
C GLU A 94 -19.58 12.00 -11.80
N ALA A 95 -18.71 11.54 -12.70
CA ALA A 95 -18.13 10.21 -12.61
C ALA A 95 -16.85 10.28 -11.78
N ALA A 96 -16.85 9.65 -10.60
CA ALA A 96 -15.71 9.65 -9.71
C ALA A 96 -14.92 8.36 -9.87
N TRP A 97 -13.60 8.49 -9.92
CA TRP A 97 -12.68 7.38 -10.19
C TRP A 97 -11.96 6.98 -8.90
N ASP A 98 -12.57 6.05 -8.16
CA ASP A 98 -11.93 5.55 -6.94
C ASP A 98 -10.80 4.60 -7.31
N ALA A 99 -9.57 4.97 -6.96
CA ALA A 99 -8.38 4.22 -7.34
C ALA A 99 -7.63 3.78 -6.08
N TYR A 100 -7.01 2.60 -6.17
CA TYR A 100 -6.28 2.01 -5.06
C TYR A 100 -4.88 1.65 -5.55
N GLN A 101 -3.87 2.26 -4.95
CA GLN A 101 -2.49 2.14 -5.41
C GLN A 101 -1.69 1.33 -4.40
N TYR A 102 -1.20 0.17 -4.83
CA TYR A 102 -0.52 -0.78 -3.95
C TYR A 102 0.98 -0.59 -4.05
N TYR A 103 1.63 -0.35 -2.92
CA TYR A 103 3.08 -0.23 -2.87
C TYR A 103 3.72 -1.52 -2.37
N LYS A 104 5.05 -1.61 -2.56
CA LYS A 104 5.75 -2.86 -2.36
C LYS A 104 5.84 -3.27 -0.90
N ASP A 105 5.66 -2.34 0.03
CA ASP A 105 5.65 -2.67 1.46
C ASP A 105 4.32 -3.24 1.92
N GLY A 106 3.35 -3.42 1.02
CA GLY A 106 2.02 -3.85 1.40
C GLY A 106 1.05 -2.72 1.67
N SER A 107 1.51 -1.48 1.73
CA SER A 107 0.62 -0.37 1.98
C SER A 107 -0.28 -0.11 0.77
N ILE A 108 -1.40 0.54 1.03
CA ILE A 108 -2.38 0.86 -0.01
C ILE A 108 -2.82 2.31 0.17
N VAL A 109 -2.76 3.10 -0.89
CA VAL A 109 -3.25 4.48 -0.88
C VAL A 109 -4.59 4.49 -1.60
N GLU A 110 -5.63 4.89 -0.88
CA GLU A 110 -7.00 4.85 -1.39
C GLU A 110 -7.40 6.24 -1.84
N PHE A 111 -7.29 6.48 -3.15
CA PHE A 111 -7.74 7.75 -3.74
C PHE A 111 -9.25 7.70 -3.91
N THR A 112 -9.94 7.84 -2.77
CA THR A 112 -11.39 7.75 -2.72
C THR A 112 -12.04 8.96 -2.06
N GLY A 113 -11.25 9.96 -1.64
CA GLY A 113 -11.78 11.08 -0.91
C GLY A 113 -12.48 12.11 -1.79
N ASP A 114 -13.02 13.13 -1.12
CA ASP A 114 -13.72 14.22 -1.76
C ASP A 114 -12.72 15.33 -2.13
N GLU A 115 -13.25 16.50 -2.48
CA GLU A 115 -12.39 17.62 -2.90
C GLU A 115 -11.39 17.98 -1.82
N ASP A 116 -11.85 18.08 -0.57
CA ASP A 116 -11.01 18.52 0.53
C ASP A 116 -10.12 17.42 1.10
N ALA A 117 -10.29 16.18 0.67
CA ALA A 117 -9.60 15.06 1.29
C ALA A 117 -8.12 15.04 0.92
N ASP A 118 -7.34 14.30 1.70
CA ASP A 118 -5.91 14.20 1.46
C ASP A 118 -5.61 13.32 0.25
N THR A 119 -6.40 12.27 0.04
CA THR A 119 -6.24 11.35 -1.09
C THR A 119 -7.53 11.33 -1.88
N PRO A 120 -7.78 12.36 -2.69
CA PRO A 120 -9.06 12.44 -3.41
C PRO A 120 -9.07 11.60 -4.67
N HIS A 121 -10.27 11.17 -5.05
CA HIS A 121 -10.45 10.54 -6.34
C HIS A 121 -10.54 11.63 -7.42
N SER A 122 -10.11 11.29 -8.63
CA SER A 122 -10.30 12.21 -9.73
C SER A 122 -11.71 12.06 -10.29
N ILE A 123 -12.11 13.02 -11.12
CA ILE A 123 -13.49 13.15 -11.55
C ILE A 123 -13.52 13.46 -13.04
N THR A 124 -14.41 12.79 -13.76
CA THR A 124 -14.75 13.16 -15.13
C THR A 124 -16.14 13.78 -15.12
N ASN A 125 -16.25 15.01 -15.60
CA ASN A 125 -17.54 15.67 -15.71
C ASN A 125 -18.24 15.16 -16.97
N ILE A 126 -19.25 14.32 -16.78
CA ILE A 126 -20.03 13.81 -17.91
C ILE A 126 -21.09 14.85 -18.23
N THR A 127 -21.03 15.38 -19.45
CA THR A 127 -21.91 16.47 -19.87
C THR A 127 -23.00 15.95 -20.80
N SER A 128 -23.99 16.81 -21.03
CA SER A 128 -25.09 16.46 -21.92
C SER A 128 -24.59 16.21 -23.33
N ALA A 129 -25.11 15.15 -23.94
CA ALA A 129 -24.83 14.79 -25.34
C ALA A 129 -25.69 13.59 -25.74
N HIS B 1 18.28 0.94 12.66
N HIS B 1 18.68 0.71 12.86
CA HIS B 1 18.19 -0.51 12.65
CA HIS B 1 18.21 -0.62 12.49
C HIS B 1 16.89 -0.95 13.32
C HIS B 1 16.95 -0.99 13.27
N VAL B 2 15.93 -1.41 12.53
CA VAL B 2 14.64 -1.81 13.07
C VAL B 2 14.69 -3.29 13.45
N SER B 3 14.58 -3.57 14.75
CA SER B 3 14.68 -4.92 15.28
C SER B 3 13.35 -5.34 15.89
N VAL B 4 13.01 -6.61 15.72
CA VAL B 4 11.85 -7.22 16.37
C VAL B 4 12.38 -8.30 17.31
N LYS B 5 12.03 -8.20 18.58
CA LYS B 5 12.44 -9.14 19.61
C LYS B 5 11.21 -9.78 20.24
N PRO B 6 11.34 -10.98 20.83
CA PRO B 6 12.57 -11.77 21.04
C PRO B 6 13.18 -12.33 19.76
N ALA B 7 14.51 -12.50 19.75
CA ALA B 7 15.23 -13.04 18.60
C ALA B 7 15.07 -14.54 18.45
N GLU B 8 14.41 -15.19 19.39
CA GLU B 8 14.03 -16.59 19.26
C GLU B 8 12.73 -16.81 20.00
N SER B 9 11.92 -17.74 19.50
CA SER B 9 10.59 -17.97 20.04
C SER B 9 10.13 -19.35 19.61
N ALA B 10 9.30 -19.98 20.45
CA ALA B 10 8.95 -21.37 20.23
C ALA B 10 7.83 -21.50 19.20
N ALA B 11 7.91 -22.55 18.39
CA ALA B 11 6.85 -22.83 17.42
C ALA B 11 5.55 -23.13 18.14
N GLY B 12 4.44 -22.83 17.48
CA GLY B 12 3.12 -23.03 18.04
C GLY B 12 2.71 -22.02 19.10
N SER B 13 3.60 -21.11 19.48
CA SER B 13 3.34 -20.19 20.58
C SER B 13 2.70 -18.90 20.07
N TRP B 14 1.95 -18.26 20.97
CA TRP B 14 1.52 -16.88 20.80
C TRP B 14 2.56 -15.99 21.47
N GLU B 15 3.35 -15.28 20.67
CA GLU B 15 4.47 -14.52 21.19
C GLU B 15 4.13 -13.03 21.25
N THR B 16 4.64 -12.36 22.27
CA THR B 16 4.55 -10.91 22.38
C THR B 16 5.83 -10.31 21.82
N TYR B 17 5.72 -9.64 20.67
CA TYR B 17 6.86 -9.09 19.96
C TYR B 17 6.97 -7.58 20.17
N THR B 18 8.21 -7.09 20.17
CA THR B 18 8.49 -5.67 20.35
C THR B 18 9.39 -5.20 19.21
N MET B 19 8.91 -4.26 18.43
CA MET B 19 9.69 -3.65 17.35
C MET B 19 10.30 -2.36 17.86
N LYS B 20 11.63 -2.26 17.82
CA LYS B 20 12.35 -1.06 18.20
C LYS B 20 12.72 -0.27 16.96
N VAL B 21 12.41 1.02 16.97
CA VAL B 21 12.63 1.86 15.79
C VAL B 21 13.49 3.05 16.19
N PRO B 22 14.78 3.03 15.96
CA PRO B 22 15.63 4.17 16.31
C PRO B 22 15.64 5.22 15.21
N SER B 23 15.74 6.48 15.63
CA SER B 23 16.01 7.55 14.68
C SER B 23 17.43 7.43 14.15
N GLU B 24 17.59 7.57 12.83
N GLU B 24 17.58 7.57 12.83
CA GLU B 24 18.90 7.53 12.21
CA GLU B 24 18.89 7.52 12.19
C GLU B 24 19.14 8.73 11.29
C GLU B 24 19.13 8.73 11.27
N LYS B 25 18.27 9.73 11.33
CA LYS B 25 18.44 10.96 10.57
C LYS B 25 18.03 12.11 11.48
N ASN B 26 18.42 13.32 11.09
CA ASN B 26 18.11 14.51 11.89
C ASN B 26 16.75 15.10 11.55
N LEU B 27 15.74 14.24 11.45
CA LEU B 27 14.38 14.66 11.13
C LEU B 27 13.43 13.53 11.53
N PRO B 28 12.16 13.84 11.78
CA PRO B 28 11.28 12.86 12.43
C PRO B 28 10.97 11.64 11.56
N THR B 29 10.84 10.49 12.22
CA THR B 29 10.27 9.30 11.61
C THR B 29 8.76 9.35 11.81
N THR B 30 8.01 9.32 10.69
CA THR B 30 6.57 9.57 10.75
C THR B 30 5.72 8.33 10.55
N LYS B 31 6.28 7.24 10.03
CA LYS B 31 5.48 6.04 9.80
C LYS B 31 6.42 4.84 9.72
N VAL B 32 5.94 3.70 10.18
CA VAL B 32 6.67 2.44 10.09
C VAL B 32 5.70 1.38 9.60
N VAL B 33 6.08 0.67 8.54
CA VAL B 33 5.32 -0.45 8.01
C VAL B 33 6.12 -1.72 8.25
N LEU B 34 5.45 -2.75 8.76
CA LEU B 34 6.09 -4.03 9.05
C LEU B 34 5.33 -5.14 8.35
N LYS B 35 6.04 -5.91 7.53
CA LYS B 35 5.48 -7.09 6.90
C LYS B 35 5.54 -8.27 7.86
N MET B 36 4.40 -8.90 8.08
CA MET B 36 4.40 -10.13 8.86
C MET B 36 5.18 -11.20 8.09
N PRO B 37 6.08 -11.91 8.73
CA PRO B 37 6.71 -13.06 8.08
C PRO B 37 5.65 -14.05 7.62
N LYS B 38 5.92 -14.71 6.50
CA LYS B 38 5.08 -15.82 6.09
C LYS B 38 5.02 -16.85 7.22
N ASP B 39 3.82 -17.36 7.48
CA ASP B 39 3.49 -18.34 8.52
C ASP B 39 3.42 -17.71 9.90
N VAL B 40 3.58 -16.41 10.05
CA VAL B 40 3.40 -15.71 11.32
C VAL B 40 2.10 -14.90 11.21
N GLU B 41 1.16 -15.17 12.12
CA GLU B 41 -0.18 -14.58 12.05
C GLU B 41 -0.32 -13.46 13.06
N PHE B 42 -0.40 -12.23 12.57
CA PHE B 42 -0.63 -11.09 13.43
C PHE B 42 -1.97 -11.21 14.14
N GLN B 43 -1.97 -10.95 15.45
CA GLN B 43 -3.18 -11.06 16.26
C GLN B 43 -3.67 -9.69 16.72
N GLN B 44 -2.92 -9.00 17.58
CA GLN B 44 -3.34 -7.72 18.14
C GLN B 44 -2.12 -6.83 18.33
N TYR B 45 -2.38 -5.54 18.50
CA TYR B 45 -1.34 -4.56 18.82
C TYR B 45 -1.67 -3.87 20.13
N GLU B 46 -0.66 -3.28 20.73
CA GLU B 46 -0.88 -2.46 21.92
C GLU B 46 -0.86 -0.99 21.55
N PRO B 47 -1.88 -0.22 21.93
CA PRO B 47 -1.92 1.20 21.53
C PRO B 47 -0.75 1.98 22.13
N ILE B 48 -0.29 2.98 21.38
CA ILE B 48 0.79 3.86 21.78
C ILE B 48 0.32 5.29 21.58
N PRO B 49 0.37 6.15 22.59
CA PRO B 49 -0.01 7.55 22.40
C PRO B 49 0.85 8.20 21.33
N GLY B 50 0.19 8.91 20.41
CA GLY B 50 0.87 9.55 19.30
C GLY B 50 0.92 8.74 18.03
N TRP B 51 0.28 7.57 17.99
CA TRP B 51 0.33 6.69 16.83
C TRP B 51 -1.03 6.05 16.60
N LYS B 52 -1.36 5.85 15.33
CA LYS B 52 -2.53 5.08 14.94
C LYS B 52 -2.04 3.84 14.19
N VAL B 53 -2.59 2.68 14.54
CA VAL B 53 -2.13 1.41 14.03
C VAL B 53 -3.23 0.78 13.20
N SER B 54 -2.87 0.24 12.04
CA SER B 54 -3.83 -0.41 11.15
C SER B 54 -3.12 -1.53 10.41
N THR B 55 -3.90 -2.54 10.02
CA THR B 55 -3.39 -3.68 9.29
C THR B 55 -3.92 -3.67 7.86
N GLN B 56 -3.19 -4.35 6.97
CA GLN B 56 -3.56 -4.43 5.57
C GLN B 56 -3.40 -5.88 5.12
N LYS B 57 -4.52 -6.52 4.80
CA LYS B 57 -4.51 -7.87 4.26
C LYS B 57 -4.44 -7.81 2.73
N HIS B 58 -3.82 -8.84 2.15
CA HIS B 58 -3.63 -8.92 0.71
C HIS B 58 -4.11 -10.28 0.22
N ASP B 59 -4.27 -10.39 -1.11
CA ASP B 59 -4.80 -11.61 -1.69
C ASP B 59 -3.90 -12.82 -1.41
N ASP B 60 -2.58 -12.61 -1.39
CA ASP B 60 -1.65 -13.73 -1.21
C ASP B 60 -1.61 -14.17 0.25
N LYS B 61 -2.48 -13.57 1.07
CA LYS B 61 -2.69 -13.81 2.50
C LYS B 61 -1.60 -13.17 3.36
N SER B 62 -0.70 -12.37 2.79
CA SER B 62 0.29 -11.68 3.59
C SER B 62 -0.31 -10.42 4.23
N VAL B 63 0.19 -10.08 5.41
CA VAL B 63 -0.34 -8.96 6.20
C VAL B 63 0.78 -7.98 6.50
N SER B 64 0.48 -6.69 6.34
CA SER B 64 1.38 -5.62 6.76
C SER B 64 0.70 -4.81 7.86
N VAL B 65 1.50 -4.33 8.81
CA VAL B 65 1.01 -3.52 9.92
C VAL B 65 1.67 -2.15 9.83
N THR B 66 0.86 -1.10 10.01
CA THR B 66 1.30 0.27 9.84
C THR B 66 1.10 1.03 11.15
N TRP B 67 2.19 1.58 11.68
CA TRP B 67 2.14 2.54 12.77
C TRP B 67 2.38 3.92 12.17
N GLU B 68 1.39 4.79 12.25
CA GLU B 68 1.48 6.13 11.66
C GLU B 68 1.41 7.18 12.76
N ALA B 69 2.33 8.13 12.71
CA ALA B 69 2.45 9.12 13.77
C ALA B 69 1.33 10.14 13.69
N THR B 70 0.72 10.45 14.83
CA THR B 70 -0.29 11.49 14.90
C THR B 70 0.19 12.75 15.60
N ASP B 71 1.40 12.76 16.17
CA ASP B 71 1.84 13.89 16.98
C ASP B 71 3.37 14.03 16.94
N GLY B 72 3.94 13.99 15.75
CA GLY B 72 5.33 14.35 15.53
C GLY B 72 6.26 13.19 15.23
N GLY B 73 5.93 11.98 15.69
CA GLY B 73 6.76 10.84 15.40
C GLY B 73 8.04 10.77 16.21
N ILE B 74 8.94 9.90 15.78
CA ILE B 74 10.20 9.66 16.47
C ILE B 74 11.19 10.73 16.04
N GLN B 75 11.54 11.62 16.97
CA GLN B 75 12.45 12.71 16.64
C GLN B 75 13.90 12.24 16.69
N GLU B 76 14.78 13.13 16.25
CA GLU B 76 16.22 12.89 16.39
C GLU B 76 16.56 12.67 17.86
N GLY B 77 17.46 11.72 18.12
CA GLY B 77 17.82 11.39 19.47
C GLY B 77 16.82 10.51 20.19
N GLN B 78 15.82 10.00 19.48
CA GLN B 78 14.78 9.17 20.07
C GLN B 78 14.68 7.83 19.38
N PHE B 79 14.11 6.86 20.10
CA PHE B 79 13.60 5.63 19.52
C PHE B 79 12.23 5.38 20.10
N GLN B 80 11.50 4.45 19.49
CA GLN B 80 10.20 4.06 20.01
C GLN B 80 10.03 2.55 19.85
N GLN B 81 9.40 1.93 20.85
CA GLN B 81 9.14 0.50 20.84
C GLN B 81 7.66 0.26 20.59
N PHE B 82 7.35 -0.66 19.69
CA PHE B 82 5.98 -1.00 19.32
C PHE B 82 5.75 -2.47 19.61
N THR B 83 4.72 -2.77 20.40
CA THR B 83 4.47 -4.12 20.87
C THR B 83 3.22 -4.70 20.21
N PHE B 84 3.31 -5.97 19.80
CA PHE B 84 2.17 -6.67 19.23
C PHE B 84 2.25 -8.15 19.57
N VAL B 85 1.15 -8.86 19.35
CA VAL B 85 1.05 -10.28 19.61
C VAL B 85 0.81 -10.99 18.28
N ALA B 86 1.55 -12.05 18.02
CA ALA B 86 1.40 -12.81 16.79
C ALA B 86 1.47 -14.31 17.11
N LYS B 87 0.82 -15.10 16.26
CA LYS B 87 0.87 -16.55 16.40
C LYS B 87 2.05 -17.08 15.58
N ASN B 88 2.95 -17.81 16.24
CA ASN B 88 4.09 -18.37 15.55
C ASN B 88 3.68 -19.54 14.66
N PRO B 89 4.45 -19.82 13.61
CA PRO B 89 4.20 -21.03 12.83
C PRO B 89 4.36 -22.28 13.69
N ASP B 90 3.83 -23.39 13.18
CA ASP B 90 3.83 -24.65 13.89
C ASP B 90 5.09 -25.48 13.65
N LYS B 91 5.98 -25.02 12.77
CA LYS B 91 7.25 -25.69 12.52
C LYS B 91 8.39 -24.71 12.76
N ALA B 92 9.59 -25.26 12.95
CA ALA B 92 10.77 -24.43 13.12
C ALA B 92 11.06 -23.68 11.82
N GLU B 93 11.30 -22.37 11.94
CA GLU B 93 11.53 -21.52 10.79
C GLU B 93 12.43 -20.36 11.18
N GLU B 94 12.98 -19.72 10.16
CA GLU B 94 13.52 -18.37 10.28
C GLU B 94 12.42 -17.39 9.89
N ALA B 95 12.07 -16.49 10.81
CA ALA B 95 11.08 -15.46 10.55
C ALA B 95 11.79 -14.13 10.33
N ALA B 96 11.72 -13.61 9.11
CA ALA B 96 12.34 -12.35 8.75
C ALA B 96 11.32 -11.23 8.87
N TRP B 97 11.71 -10.13 9.52
CA TRP B 97 10.84 -8.99 9.78
C TRP B 97 11.22 -7.85 8.83
N ASP B 98 10.58 -7.82 7.66
CA ASP B 98 10.82 -6.73 6.72
C ASP B 98 10.08 -5.47 7.17
N ALA B 99 10.85 -4.43 7.48
CA ALA B 99 10.30 -3.19 8.01
C ALA B 99 10.69 -2.01 7.14
N TYR B 100 9.79 -1.03 7.07
CA TYR B 100 9.95 0.15 6.23
C TYR B 100 9.78 1.39 7.10
N GLN B 101 10.81 2.22 7.16
CA GLN B 101 10.84 3.38 8.04
C GLN B 101 10.69 4.65 7.21
N TYR B 102 9.56 5.33 7.38
CA TYR B 102 9.26 6.56 6.66
C TYR B 102 9.72 7.77 7.45
N TYR B 103 10.48 8.65 6.79
CA TYR B 103 10.89 9.91 7.39
C TYR B 103 10.07 11.06 6.80
N LYS B 104 10.08 12.18 7.51
CA LYS B 104 9.20 13.32 7.17
C LYS B 104 9.49 13.87 5.78
N ASP B 105 10.75 13.81 5.33
CA ASP B 105 11.13 14.33 4.02
C ASP B 105 10.77 13.38 2.88
N GLY B 106 10.04 12.30 3.15
CA GLY B 106 9.65 11.37 2.12
C GLY B 106 10.64 10.25 1.84
N SER B 107 11.83 10.30 2.43
CA SER B 107 12.78 9.21 2.26
C SER B 107 12.32 8.00 3.08
N ILE B 108 12.72 6.82 2.61
CA ILE B 108 12.31 5.56 3.21
C ILE B 108 13.54 4.66 3.34
N VAL B 109 13.79 4.18 4.54
CA VAL B 109 14.82 3.18 4.78
C VAL B 109 14.15 1.82 4.83
N GLU B 110 14.60 0.91 3.97
CA GLU B 110 13.99 -0.42 3.82
C GLU B 110 14.88 -1.43 4.50
N PHE B 111 14.48 -1.88 5.69
CA PHE B 111 15.21 -2.92 6.41
C PHE B 111 14.70 -4.27 5.93
N THR B 112 15.15 -4.63 4.72
CA THR B 112 14.69 -5.85 4.04
C THR B 112 15.83 -6.71 3.52
N GLY B 113 17.08 -6.31 3.69
CA GLY B 113 18.18 -7.00 3.06
C GLY B 113 18.61 -8.26 3.80
N ASP B 114 19.47 -9.03 3.13
CA ASP B 114 19.97 -10.29 3.68
C ASP B 114 21.16 -9.99 4.61
N GLU B 115 21.93 -11.02 4.92
CA GLU B 115 22.97 -10.90 5.95
C GLU B 115 24.07 -9.93 5.56
N ASP B 116 24.29 -9.69 4.27
CA ASP B 116 25.38 -8.85 3.80
C ASP B 116 24.91 -7.45 3.41
N ALA B 117 23.71 -7.06 3.82
CA ALA B 117 23.15 -5.78 3.42
C ALA B 117 23.41 -4.70 4.46
N ASP B 118 23.39 -3.44 4.01
CA ASP B 118 23.52 -2.31 4.92
C ASP B 118 22.25 -2.09 5.74
N THR B 119 21.09 -2.51 5.23
CA THR B 119 19.82 -2.37 5.92
C THR B 119 19.13 -3.73 5.96
N PRO B 120 19.62 -4.63 6.80
CA PRO B 120 19.04 -5.98 6.84
C PRO B 120 17.76 -6.00 7.67
N HIS B 121 16.90 -6.96 7.35
CA HIS B 121 15.79 -7.23 8.25
C HIS B 121 16.30 -7.99 9.46
N SER B 122 15.63 -7.78 10.60
CA SER B 122 15.94 -8.58 11.77
C SER B 122 15.22 -9.92 11.66
N ILE B 123 15.67 -10.88 12.47
CA ILE B 123 15.22 -12.26 12.34
C ILE B 123 14.84 -12.81 13.71
N THR B 124 13.71 -13.50 13.78
CA THR B 124 13.33 -14.31 14.93
C THR B 124 13.50 -15.77 14.56
N ASN B 125 14.32 -16.48 15.33
CA ASN B 125 14.52 -17.92 15.13
C ASN B 125 13.38 -18.66 15.81
N ILE B 126 12.47 -19.22 15.02
CA ILE B 126 11.38 -20.01 15.57
C ILE B 126 11.90 -21.44 15.79
N THR B 127 11.97 -21.87 17.04
CA THR B 127 12.53 -23.16 17.40
C THR B 127 11.42 -24.17 17.65
N SER B 128 11.82 -25.41 17.90
CA SER B 128 10.87 -26.47 18.21
C SER B 128 10.19 -26.23 19.55
CU CU C . -2.78 14.57 -9.43
CU CU C . -0.70 12.45 -4.92
CU CU D . 20.35 1.27 12.00
CU CU D . 20.75 -3.13 14.67
#